data_7YTB
#
_entry.id   7YTB
#
_cell.length_a   100.030
_cell.length_b   100.030
_cell.length_c   116.260
_cell.angle_alpha   90.00
_cell.angle_beta   90.00
_cell.angle_gamma   120.00
#
_symmetry.space_group_name_H-M   'P 3 2 1'
#
loop_
_entity.id
_entity.type
_entity.pdbx_description
1 polymer Kin4B8
2 non-polymer RETINAL
3 non-polymer '(2R)-2,3-dihydroxypropyl (9Z)-octadec-9-enoate'
4 water water
#
_entity_poly.entity_id   1
_entity_poly.type   'polypeptide(L)'
_entity_poly.pdbx_seq_one_letter_code
;MSATTLTLQQFSTVYNMLSFAVASMLGAFAFFVMGRKIVGPKYRLALVVSSLVVLIAGYHYWRIMGSWTAAYALKDGMYV
PTGEPFNDAYRYVDWLLTVPLLLTELVLVMKLKKESGSVLAKLILAAIAMIALGYPGEISNPESQAGARLMWGVLSTVPF
LYILYVLWVRLGDAIGEHPAKVQVLLKNTRYLILLTWGFYPIVYAMGSYGWLGGAGSVVAVQVGYSIADVTAKALYGVMI
FAIAYAKSEADGSLPAHHHHHH
;
_entity_poly.pdbx_strand_id   A,B
#
# COMPACT_ATOMS: atom_id res chain seq x y z
N ALA A 3 -20.44 -19.32 15.51
CA ALA A 3 -19.06 -19.76 15.65
C ALA A 3 -18.85 -20.49 16.98
N THR A 4 -17.61 -20.46 17.48
CA THR A 4 -17.23 -21.22 18.66
C THR A 4 -17.17 -20.30 19.87
N THR A 5 -17.43 -20.88 21.04
CA THR A 5 -17.27 -20.19 22.32
C THR A 5 -15.86 -20.41 22.87
N LEU A 6 -15.37 -19.41 23.59
CA LEU A 6 -14.02 -19.39 24.10
C LEU A 6 -14.06 -19.37 25.62
N THR A 7 -13.03 -19.94 26.23
CA THR A 7 -12.92 -19.82 27.67
C THR A 7 -12.41 -18.43 28.03
N LEU A 8 -12.60 -18.06 29.29
CA LEU A 8 -12.15 -16.74 29.75
C LEU A 8 -10.66 -16.57 29.50
N GLN A 9 -9.90 -17.65 29.69
CA GLN A 9 -8.45 -17.61 29.48
C GLN A 9 -8.11 -17.37 28.01
N GLN A 10 -8.79 -18.07 27.10
CA GLN A 10 -8.49 -17.92 25.68
C GLN A 10 -8.77 -16.49 25.20
N PHE A 11 -9.93 -15.95 25.55
CA PHE A 11 -10.23 -14.57 25.16
C PHE A 11 -9.23 -13.59 25.76
N SER A 12 -8.88 -13.78 27.02
CA SER A 12 -7.91 -12.90 27.66
C SER A 12 -6.55 -12.99 27.00
N THR A 13 -6.10 -14.22 26.69
CA THR A 13 -4.78 -14.42 26.09
C THR A 13 -4.65 -13.71 24.75
N VAL A 14 -5.63 -13.90 23.86
CA VAL A 14 -5.56 -13.27 22.55
C VAL A 14 -5.65 -11.75 22.69
N TYR A 15 -6.50 -11.27 23.60
CA TYR A 15 -6.60 -9.84 23.85
C TYR A 15 -5.27 -9.26 24.35
N ASN A 16 -4.59 -10.01 25.22
CA ASN A 16 -3.33 -9.52 25.78
C ASN A 16 -2.25 -9.44 24.70
N MET A 17 -2.14 -10.47 23.86
CA MET A 17 -1.16 -10.47 22.77
C MET A 17 -1.46 -9.35 21.78
N LEU A 18 -2.74 -8.98 21.63
CA LEU A 18 -3.08 -7.82 20.81
C LEU A 18 -2.69 -6.52 21.51
N SER A 19 -2.88 -6.46 22.83
CA SER A 19 -2.45 -5.28 23.57
C SER A 19 -0.92 -5.19 23.66
N PHE A 20 -0.26 -6.35 23.75
CA PHE A 20 1.20 -6.36 23.65
C PHE A 20 1.66 -5.79 22.31
N ALA A 21 1.00 -6.19 21.22
CA ALA A 21 1.39 -5.70 19.90
C ALA A 21 1.18 -4.20 19.78
N VAL A 22 0.06 -3.68 20.25
CA VAL A 22 -0.19 -2.24 20.21
C VAL A 22 0.91 -1.49 20.94
N ALA A 23 1.24 -1.93 22.15
CA ALA A 23 2.26 -1.25 22.95
C ALA A 23 3.63 -1.35 22.31
N SER A 24 3.96 -2.50 21.72
CA SER A 24 5.26 -2.65 21.06
C SER A 24 5.40 -1.68 19.89
N MET A 25 4.34 -1.51 19.10
CA MET A 25 4.40 -0.59 17.97
C MET A 25 4.51 0.85 18.45
N LEU A 26 3.75 1.22 19.48
CA LEU A 26 3.82 2.59 20.00
C LEU A 26 5.21 2.88 20.54
N GLY A 27 5.81 1.93 21.25
CA GLY A 27 7.17 2.12 21.73
C GLY A 27 8.17 2.19 20.58
N ALA A 28 8.01 1.32 19.58
CA ALA A 28 8.93 1.32 18.45
C ALA A 28 8.80 2.61 17.63
N PHE A 29 7.58 3.13 17.47
CA PHE A 29 7.39 4.37 16.75
C PHE A 29 8.19 5.52 17.35
N ALA A 30 8.04 5.72 18.67
CA ALA A 30 8.76 6.80 19.33
C ALA A 30 10.27 6.63 19.22
N PHE A 31 10.75 5.38 19.30
CA PHE A 31 12.17 5.11 19.17
C PHE A 31 12.71 5.54 17.80
N PHE A 32 12.02 5.13 16.73
CA PHE A 32 12.51 5.45 15.39
C PHE A 32 12.43 6.94 15.10
N VAL A 33 11.38 7.60 15.58
CA VAL A 33 11.27 9.05 15.42
C VAL A 33 12.41 9.75 16.14
N MET A 34 12.66 9.38 17.40
CA MET A 34 13.73 10.00 18.16
C MET A 34 15.11 9.50 17.73
N GLY A 35 15.22 8.23 17.34
CA GLY A 35 16.52 7.73 16.90
C GLY A 35 16.98 8.29 15.58
N ARG A 36 16.08 8.94 14.84
CA ARG A 36 16.45 9.59 13.59
C ARG A 36 17.53 10.64 13.82
N LYS A 37 17.40 11.38 14.92
CA LYS A 37 18.34 12.44 15.27
C LYS A 37 19.70 11.90 15.71
N ILE A 38 19.78 10.62 16.08
CA ILE A 38 21.00 10.08 16.68
C ILE A 38 21.95 9.47 15.65
N VAL A 39 21.46 9.06 14.50
CA VAL A 39 22.29 8.43 13.49
C VAL A 39 22.69 9.46 12.43
N GLY A 40 23.54 9.04 11.50
CA GLY A 40 24.02 9.90 10.44
C GLY A 40 22.94 10.38 9.51
N PRO A 41 23.19 11.49 8.81
CA PRO A 41 22.13 12.10 8.00
C PRO A 41 21.66 11.27 6.83
N LYS A 42 22.49 10.37 6.30
CA LYS A 42 22.11 9.59 5.12
C LYS A 42 21.36 8.31 5.47
N TYR A 43 21.17 8.00 6.74
CA TYR A 43 20.44 6.81 7.15
C TYR A 43 19.09 7.16 7.77
N ARG A 44 18.72 8.44 7.77
CA ARG A 44 17.51 8.88 8.46
C ARG A 44 16.24 8.60 7.68
N LEU A 45 16.31 8.57 6.35
CA LEU A 45 15.14 8.19 5.57
C LEU A 45 14.74 6.75 5.85
N ALA A 46 15.72 5.88 6.11
CA ALA A 46 15.39 4.50 6.46
C ALA A 46 14.66 4.43 7.79
N LEU A 47 15.04 5.30 8.74
CA LEU A 47 14.32 5.37 10.00
C LEU A 47 12.94 6.00 9.83
N VAL A 48 12.80 6.92 8.85
CA VAL A 48 11.49 7.49 8.55
C VAL A 48 10.53 6.39 8.10
N VAL A 49 11.01 5.52 7.21
CA VAL A 49 10.18 4.41 6.75
C VAL A 49 9.91 3.45 7.90
N SER A 50 10.89 3.24 8.78
CA SER A 50 10.67 2.41 9.95
C SER A 50 9.54 2.97 10.82
N SER A 51 9.54 4.29 11.03
CA SER A 51 8.47 4.91 11.82
C SER A 51 7.10 4.66 11.19
N LEU A 52 7.01 4.76 9.85
CA LEU A 52 5.73 4.55 9.20
C LEU A 52 5.23 3.12 9.36
N VAL A 53 6.12 2.14 9.21
CA VAL A 53 5.72 0.73 9.31
C VAL A 53 5.07 0.47 10.66
N VAL A 54 5.71 0.90 11.75
CA VAL A 54 5.17 0.62 13.07
C VAL A 54 3.97 1.51 13.37
N LEU A 55 3.93 2.72 12.81
CA LEU A 55 2.77 3.58 12.99
C LEU A 55 1.54 2.96 12.33
N ILE A 56 1.69 2.48 11.09
CA ILE A 56 0.59 1.86 10.38
C ILE A 56 0.14 0.59 11.11
N ALA A 57 1.09 -0.28 11.47
CA ALA A 57 0.74 -1.53 12.13
C ALA A 57 0.19 -1.28 13.53
N GLY A 58 0.65 -0.23 14.21
CA GLY A 58 0.08 0.10 15.50
C GLY A 58 -1.39 0.44 15.43
N TYR A 59 -1.75 1.34 14.50
CA TYR A 59 -3.15 1.69 14.32
C TYR A 59 -3.97 0.48 13.91
N HIS A 60 -3.43 -0.36 13.03
CA HIS A 60 -4.15 -1.53 12.57
C HIS A 60 -4.36 -2.54 13.69
N TYR A 61 -3.36 -2.72 14.55
CA TYR A 61 -3.53 -3.62 15.69
C TYR A 61 -4.48 -3.01 16.72
N TRP A 62 -4.52 -1.69 16.81
CA TRP A 62 -5.53 -1.02 17.63
C TRP A 62 -6.93 -1.36 17.13
N ARG A 63 -7.11 -1.38 15.81
CA ARG A 63 -8.40 -1.76 15.24
C ARG A 63 -8.68 -3.25 15.43
N ILE A 64 -7.66 -4.09 15.22
CA ILE A 64 -7.85 -5.54 15.40
C ILE A 64 -8.33 -5.85 16.81
N MET A 65 -7.80 -5.12 17.79
CA MET A 65 -8.22 -5.32 19.18
C MET A 65 -9.68 -4.94 19.37
N GLY A 66 -10.13 -3.84 18.76
CA GLY A 66 -11.54 -3.49 18.80
C GLY A 66 -12.42 -4.54 18.15
N SER A 67 -11.99 -5.07 17.00
CA SER A 67 -12.75 -6.12 16.34
C SER A 67 -12.83 -7.37 17.21
N TRP A 68 -11.75 -7.68 17.91
CA TRP A 68 -11.71 -8.88 18.74
C TRP A 68 -12.68 -8.78 19.92
N THR A 69 -12.64 -7.66 20.64
CA THR A 69 -13.52 -7.47 21.78
C THR A 69 -14.98 -7.35 21.36
N ALA A 70 -15.25 -6.99 20.11
CA ALA A 70 -16.61 -6.83 19.63
C ALA A 70 -17.20 -8.12 19.07
N ALA A 71 -16.37 -9.14 18.88
CA ALA A 71 -16.83 -10.41 18.33
C ALA A 71 -17.25 -11.40 19.40
N TYR A 72 -17.06 -11.08 20.67
CA TYR A 72 -17.43 -11.99 21.75
C TYR A 72 -18.10 -11.19 22.87
N ALA A 73 -18.93 -11.90 23.64
CA ALA A 73 -19.63 -11.32 24.78
C ALA A 73 -19.56 -12.29 25.95
N LEU A 74 -19.50 -11.74 27.16
CA LEU A 74 -19.37 -12.57 28.36
C LEU A 74 -20.74 -13.08 28.79
N LYS A 75 -20.91 -14.40 28.77
CA LYS A 75 -22.16 -15.05 29.17
C LYS A 75 -21.83 -16.33 29.92
N ASP A 76 -22.31 -16.41 31.16
CA ASP A 76 -22.24 -17.65 31.96
C ASP A 76 -20.79 -18.07 32.19
N GLY A 77 -19.92 -17.11 32.50
CA GLY A 77 -18.52 -17.43 32.65
C GLY A 77 -17.87 -17.87 31.37
N MET A 78 -18.40 -17.47 30.23
CA MET A 78 -17.85 -17.81 28.93
C MET A 78 -17.88 -16.58 28.05
N TYR A 79 -17.11 -16.63 26.97
CA TYR A 79 -17.15 -15.62 25.92
C TYR A 79 -17.77 -16.27 24.69
N VAL A 80 -19.00 -15.87 24.36
CA VAL A 80 -19.74 -16.47 23.27
C VAL A 80 -19.82 -15.45 22.13
N PRO A 81 -19.86 -15.89 20.87
CA PRO A 81 -19.87 -14.93 19.76
C PRO A 81 -21.08 -13.99 19.83
N THR A 82 -20.92 -12.83 19.19
CA THR A 82 -21.94 -11.78 19.21
C THR A 82 -22.68 -11.62 17.88
N GLY A 83 -22.26 -12.33 16.84
CA GLY A 83 -22.77 -12.08 15.52
C GLY A 83 -21.93 -11.06 14.77
N GLU A 84 -21.26 -10.18 15.51
CA GLU A 84 -20.34 -9.25 14.90
C GLU A 84 -19.08 -10.00 14.48
N PRO A 85 -18.63 -9.86 13.24
CA PRO A 85 -17.54 -10.70 12.75
C PRO A 85 -16.17 -10.16 13.12
N PHE A 86 -15.23 -11.08 13.24
CA PHE A 86 -13.83 -10.74 13.47
C PHE A 86 -13.09 -10.84 12.14
N ASN A 87 -12.57 -9.71 11.67
CA ASN A 87 -11.98 -9.61 10.35
C ASN A 87 -10.51 -9.99 10.48
N ASP A 88 -10.23 -11.28 10.23
CA ASP A 88 -8.87 -11.79 10.29
C ASP A 88 -8.08 -11.45 9.03
N ALA A 89 -8.76 -11.05 7.97
CA ALA A 89 -8.11 -10.63 6.73
C ALA A 89 -7.55 -9.22 6.83
N TYR A 90 -7.85 -8.50 7.91
CA TYR A 90 -7.37 -7.14 8.10
C TYR A 90 -5.84 -7.09 8.22
N ARG A 91 -5.20 -8.18 8.67
CA ARG A 91 -3.74 -8.16 8.72
C ARG A 91 -3.14 -8.20 7.32
N TYR A 92 -3.76 -8.95 6.40
CA TYR A 92 -3.18 -9.13 5.08
C TYR A 92 -3.14 -7.82 4.30
N VAL A 93 -4.16 -6.98 4.46
CA VAL A 93 -4.11 -5.66 3.83
C VAL A 93 -3.07 -4.78 4.48
N ASP A 94 -2.81 -4.98 5.79
CA ASP A 94 -1.67 -4.33 6.42
C ASP A 94 -0.37 -4.80 5.79
N TRP A 95 -0.18 -6.12 5.70
CA TRP A 95 1.04 -6.67 5.13
C TRP A 95 1.25 -6.16 3.72
N LEU A 96 0.16 -6.04 2.95
CA LEU A 96 0.27 -5.58 1.57
C LEU A 96 0.92 -4.20 1.49
N LEU A 97 0.76 -3.37 2.52
CA LEU A 97 1.44 -2.08 2.60
C LEU A 97 2.76 -2.16 3.35
N THR A 98 2.77 -2.82 4.51
CA THR A 98 3.92 -2.75 5.40
C THR A 98 5.08 -3.63 4.96
N VAL A 99 4.78 -4.77 4.33
CA VAL A 99 5.85 -5.68 3.90
C VAL A 99 6.65 -5.00 2.78
N PRO A 100 6.02 -4.42 1.74
CA PRO A 100 6.80 -3.61 0.80
C PRO A 100 7.61 -2.51 1.46
N LEU A 101 7.09 -1.90 2.53
CA LEU A 101 7.85 -0.87 3.23
C LEU A 101 9.01 -1.47 4.02
N LEU A 102 8.83 -2.65 4.61
CA LEU A 102 9.92 -3.28 5.36
C LEU A 102 11.10 -3.58 4.45
N LEU A 103 10.83 -4.07 3.23
CA LEU A 103 11.90 -4.31 2.27
C LEU A 103 12.64 -3.02 1.93
N THR A 104 11.90 -1.92 1.80
CA THR A 104 12.50 -0.64 1.45
C THR A 104 13.52 -0.18 2.49
N GLU A 105 13.14 -0.24 3.78
CA GLU A 105 14.03 0.28 4.82
C GLU A 105 15.34 -0.49 4.89
N LEU A 106 15.31 -1.78 4.55
CA LEU A 106 16.56 -2.54 4.49
C LEU A 106 17.42 -2.06 3.33
N VAL A 107 16.82 -1.84 2.17
CA VAL A 107 17.57 -1.38 1.01
C VAL A 107 18.12 0.02 1.25
N LEU A 108 17.36 0.88 1.92
CA LEU A 108 17.81 2.25 2.17
C LEU A 108 18.94 2.32 3.18
N VAL A 109 18.97 1.43 4.17
CA VAL A 109 20.02 1.48 5.17
C VAL A 109 21.34 0.96 4.61
N MET A 110 21.28 0.19 3.52
CA MET A 110 22.47 -0.35 2.88
C MET A 110 23.03 0.64 1.87
N LYS A 111 24.21 0.31 1.33
CA LYS A 111 24.85 1.17 0.35
C LYS A 111 24.09 1.10 -0.96
N LEU A 112 23.78 2.26 -1.53
CA LEU A 112 23.07 2.32 -2.80
C LEU A 112 23.99 2.00 -3.96
N LYS A 113 23.54 1.10 -4.82
CA LYS A 113 24.26 0.73 -6.04
C LYS A 113 23.37 1.05 -7.23
N LYS A 114 23.91 0.78 -8.42
CA LYS A 114 23.13 0.96 -9.65
C LYS A 114 21.91 0.04 -9.68
N GLU A 115 22.10 -1.23 -9.31
CA GLU A 115 21.03 -2.22 -9.38
C GLU A 115 20.03 -2.13 -8.23
N SER A 116 20.28 -1.30 -7.22
CA SER A 116 19.37 -1.22 -6.08
C SER A 116 17.93 -0.93 -6.49
N GLY A 117 17.73 -0.11 -7.51
CA GLY A 117 16.38 0.19 -7.97
C GLY A 117 15.65 -1.03 -8.49
N SER A 118 16.30 -1.80 -9.37
CA SER A 118 15.66 -2.99 -9.92
C SER A 118 15.39 -4.04 -8.85
N VAL A 119 16.36 -4.24 -7.94
CA VAL A 119 16.22 -5.27 -6.91
C VAL A 119 15.01 -5.00 -6.02
N LEU A 120 14.83 -3.75 -5.60
CA LEU A 120 13.71 -3.42 -4.71
C LEU A 120 12.36 -3.68 -5.37
N ALA A 121 12.21 -3.24 -6.63
CA ALA A 121 10.94 -3.41 -7.32
C ALA A 121 10.55 -4.87 -7.46
N LYS A 122 11.53 -5.74 -7.73
CA LYS A 122 11.25 -7.17 -7.84
C LYS A 122 10.76 -7.73 -6.51
N LEU A 123 11.40 -7.36 -5.41
CA LEU A 123 10.97 -7.84 -4.10
C LEU A 123 9.56 -7.38 -3.79
N ILE A 124 9.23 -6.12 -4.08
CA ILE A 124 7.90 -5.59 -3.82
C ILE A 124 6.86 -6.32 -4.66
N LEU A 125 7.16 -6.55 -5.94
CA LEU A 125 6.25 -7.32 -6.78
C LEU A 125 6.06 -8.73 -6.24
N ALA A 126 7.13 -9.34 -5.72
CA ALA A 126 7.02 -10.65 -5.11
C ALA A 126 6.17 -10.60 -3.85
N ALA A 127 6.46 -9.64 -2.96
CA ALA A 127 5.69 -9.50 -1.73
C ALA A 127 4.22 -9.27 -2.01
N ILE A 128 3.92 -8.45 -3.03
CA ILE A 128 2.54 -8.21 -3.41
C ILE A 128 1.88 -9.52 -3.86
N ALA A 129 2.52 -10.23 -4.78
CA ALA A 129 1.97 -11.51 -5.25
C ALA A 129 1.87 -12.50 -4.10
N MET A 130 2.84 -12.50 -3.19
CA MET A 130 2.79 -13.37 -2.01
C MET A 130 1.54 -13.09 -1.19
N ILE A 131 1.34 -11.83 -0.79
CA ILE A 131 0.16 -11.47 -0.01
C ILE A 131 -1.10 -11.69 -0.82
N ALA A 132 -1.06 -11.35 -2.11
CA ALA A 132 -2.24 -11.46 -2.96
C ALA A 132 -2.71 -12.90 -3.08
N LEU A 133 -1.78 -13.84 -3.31
CA LEU A 133 -2.17 -15.24 -3.39
C LEU A 133 -2.56 -15.79 -2.01
N GLY A 134 -1.94 -15.29 -0.95
CA GLY A 134 -2.28 -15.76 0.38
C GLY A 134 -3.68 -15.38 0.82
N TYR A 135 -4.20 -14.26 0.31
CA TYR A 135 -5.50 -13.76 0.77
C TYR A 135 -6.64 -14.71 0.44
N PRO A 136 -6.80 -15.22 -0.80
CA PRO A 136 -7.81 -16.26 -1.02
C PRO A 136 -7.67 -17.43 -0.08
N GLY A 137 -6.44 -17.82 0.24
CA GLY A 137 -6.23 -18.94 1.13
C GLY A 137 -6.55 -18.64 2.58
N GLU A 138 -6.36 -17.39 3.01
CA GLU A 138 -6.59 -17.04 4.40
C GLU A 138 -8.08 -17.08 4.73
N ILE A 139 -8.92 -16.56 3.83
CA ILE A 139 -10.36 -16.51 4.07
C ILE A 139 -11.06 -17.81 3.70
N SER A 140 -10.34 -18.80 3.18
CA SER A 140 -10.94 -20.08 2.86
C SER A 140 -11.20 -20.89 4.12
N ASN A 141 -12.31 -21.62 4.12
CA ASN A 141 -12.74 -22.42 5.26
C ASN A 141 -11.82 -23.62 5.45
N PRO A 142 -11.12 -23.77 6.58
CA PRO A 142 -10.22 -24.91 6.76
C PRO A 142 -10.90 -26.27 6.67
N GLU A 143 -12.23 -26.33 6.83
CA GLU A 143 -12.95 -27.61 6.81
C GLU A 143 -13.66 -27.86 5.48
N SER A 144 -14.59 -26.98 5.10
CA SER A 144 -15.32 -27.17 3.86
C SER A 144 -14.50 -26.84 2.62
N GLN A 145 -13.42 -26.06 2.76
CA GLN A 145 -12.61 -25.61 1.63
C GLN A 145 -11.13 -25.84 1.93
N ALA A 146 -10.75 -27.10 2.11
CA ALA A 146 -9.36 -27.41 2.45
C ALA A 146 -8.47 -27.43 1.23
N GLY A 147 -9.02 -27.73 0.05
CA GLY A 147 -8.22 -27.75 -1.16
C GLY A 147 -7.72 -26.37 -1.57
N ALA A 148 -8.60 -25.37 -1.50
CA ALA A 148 -8.20 -24.02 -1.91
C ALA A 148 -7.17 -23.44 -0.95
N ARG A 149 -7.32 -23.70 0.35
CA ARG A 149 -6.36 -23.20 1.33
C ARG A 149 -4.94 -23.65 1.00
N LEU A 150 -4.77 -24.96 0.74
CA LEU A 150 -3.44 -25.47 0.42
C LEU A 150 -2.92 -24.87 -0.87
N MET A 151 -3.75 -24.83 -1.91
CA MET A 151 -3.30 -24.35 -3.21
C MET A 151 -2.79 -22.91 -3.13
N TRP A 152 -3.56 -22.03 -2.50
CA TRP A 152 -3.12 -20.65 -2.36
C TRP A 152 -1.92 -20.56 -1.45
N GLY A 153 -1.89 -21.38 -0.39
CA GLY A 153 -0.69 -21.49 0.41
C GLY A 153 0.51 -21.91 -0.42
N VAL A 154 0.33 -22.91 -1.29
CA VAL A 154 1.43 -23.38 -2.12
C VAL A 154 1.86 -22.30 -3.12
N LEU A 155 0.89 -21.69 -3.80
CA LEU A 155 1.22 -20.65 -4.77
C LEU A 155 1.87 -19.43 -4.13
N SER A 156 1.49 -19.12 -2.88
CA SER A 156 2.06 -17.96 -2.20
C SER A 156 3.53 -18.17 -1.81
N THR A 157 3.95 -19.41 -1.54
CA THR A 157 5.33 -19.63 -1.11
C THR A 157 6.35 -19.47 -2.22
N VAL A 158 5.93 -19.45 -3.48
CA VAL A 158 6.87 -19.36 -4.59
C VAL A 158 7.51 -17.97 -4.53
N PRO A 159 6.77 -16.85 -4.54
CA PRO A 159 7.42 -15.57 -4.32
C PRO A 159 8.01 -15.43 -2.93
N PHE A 160 7.49 -16.18 -1.96
CA PHE A 160 8.05 -16.16 -0.61
C PHE A 160 9.49 -16.65 -0.60
N LEU A 161 9.73 -17.86 -1.13
CA LEU A 161 11.08 -18.39 -1.19
C LEU A 161 11.96 -17.54 -2.10
N TYR A 162 11.38 -16.92 -3.12
CA TYR A 162 12.13 -15.99 -3.95
C TYR A 162 12.67 -14.83 -3.13
N ILE A 163 11.82 -14.23 -2.29
CA ILE A 163 12.25 -13.12 -1.45
C ILE A 163 13.36 -13.56 -0.49
N LEU A 164 13.19 -14.73 0.14
CA LEU A 164 14.19 -15.19 1.10
C LEU A 164 15.54 -15.42 0.44
N TYR A 165 15.55 -16.00 -0.77
CA TYR A 165 16.80 -16.25 -1.47
C TYR A 165 17.54 -14.94 -1.75
N VAL A 166 16.83 -13.95 -2.29
CA VAL A 166 17.46 -12.69 -2.64
C VAL A 166 18.06 -12.02 -1.41
N LEU A 167 17.32 -12.00 -0.30
CA LEU A 167 17.82 -11.35 0.91
C LEU A 167 19.07 -12.06 1.44
N TRP A 168 19.09 -13.39 1.40
CA TRP A 168 20.28 -14.13 1.83
C TRP A 168 21.48 -13.79 0.95
N VAL A 169 21.28 -13.69 -0.35
CA VAL A 169 22.41 -13.52 -1.26
C VAL A 169 22.88 -12.07 -1.32
N ARG A 170 21.98 -11.10 -1.17
CA ARG A 170 22.41 -9.71 -1.25
C ARG A 170 22.96 -9.19 0.08
N LEU A 171 22.76 -9.93 1.16
CA LEU A 171 23.28 -9.52 2.45
C LEU A 171 24.64 -10.15 2.73
N GLY A 172 24.85 -11.39 2.29
CA GLY A 172 26.17 -12.00 2.43
C GLY A 172 27.21 -11.33 1.56
N ASP A 173 26.81 -10.82 0.39
CA ASP A 173 27.73 -10.12 -0.49
C ASP A 173 28.19 -8.78 0.07
N ALA A 174 27.46 -8.21 1.02
CA ALA A 174 27.81 -6.93 1.61
C ALA A 174 28.51 -7.06 2.96
N ILE A 175 28.49 -8.25 3.56
CA ILE A 175 29.23 -8.48 4.80
C ILE A 175 30.71 -8.23 4.60
N GLY A 176 31.29 -8.77 3.52
CA GLY A 176 32.72 -8.73 3.42
C GLY A 176 33.34 -7.42 2.97
N GLU A 177 32.58 -6.33 2.95
CA GLU A 177 33.11 -5.03 2.55
C GLU A 177 33.04 -3.99 3.66
N HIS A 178 32.60 -4.39 4.85
CA HIS A 178 32.27 -3.45 5.91
C HIS A 178 33.08 -3.74 7.18
N PRO A 179 33.07 -2.83 8.17
CA PRO A 179 33.74 -3.12 9.43
C PRO A 179 33.09 -4.29 10.15
N ALA A 180 33.83 -4.82 11.13
CA ALA A 180 33.41 -6.04 11.82
C ALA A 180 32.05 -5.88 12.48
N LYS A 181 31.83 -4.73 13.13
CA LYS A 181 30.55 -4.51 13.81
C LYS A 181 29.39 -4.50 12.82
N VAL A 182 29.60 -3.88 11.65
CA VAL A 182 28.57 -3.87 10.61
C VAL A 182 28.34 -5.29 10.10
N GLN A 183 29.40 -6.10 10.02
CA GLN A 183 29.27 -7.47 9.52
C GLN A 183 28.40 -8.32 10.43
N VAL A 184 28.65 -8.25 11.75
CA VAL A 184 27.88 -9.05 12.70
C VAL A 184 26.40 -8.72 12.62
N LEU A 185 26.08 -7.42 12.53
CA LEU A 185 24.69 -6.99 12.43
C LEU A 185 24.03 -7.57 11.18
N LEU A 186 24.72 -7.56 10.04
CA LEU A 186 24.14 -8.10 8.81
C LEU A 186 23.94 -9.61 8.91
N LYS A 187 24.87 -10.32 9.56
CA LYS A 187 24.70 -11.76 9.72
C LYS A 187 23.47 -12.07 10.57
N ASN A 188 23.33 -11.37 11.70
CA ASN A 188 22.18 -11.60 12.56
C ASN A 188 20.88 -11.15 11.89
N THR A 189 20.95 -10.13 11.04
CA THR A 189 19.75 -9.67 10.34
C THR A 189 19.21 -10.75 9.41
N ARG A 190 20.11 -11.46 8.72
CA ARG A 190 19.67 -12.57 7.87
C ARG A 190 18.97 -13.64 8.68
N TYR A 191 19.58 -14.07 9.79
CA TYR A 191 18.96 -15.05 10.66
C TYR A 191 17.61 -14.56 11.15
N LEU A 192 17.52 -13.29 11.54
CA LEU A 192 16.26 -12.74 12.04
C LEU A 192 15.18 -12.79 10.98
N ILE A 193 15.49 -12.37 9.75
CA ILE A 193 14.51 -12.41 8.67
C ILE A 193 14.03 -13.84 8.43
N LEU A 194 14.94 -14.80 8.44
CA LEU A 194 14.56 -16.19 8.19
C LEU A 194 13.66 -16.72 9.30
N LEU A 195 14.05 -16.51 10.57
CA LEU A 195 13.24 -16.98 11.69
C LEU A 195 11.85 -16.36 11.66
N THR A 196 11.76 -15.05 11.44
CA THR A 196 10.48 -14.38 11.55
C THR A 196 9.62 -14.62 10.31
N TRP A 197 10.21 -14.50 9.13
CA TRP A 197 9.43 -14.71 7.91
C TRP A 197 9.02 -16.15 7.74
N GLY A 198 9.78 -17.09 8.33
CA GLY A 198 9.37 -18.48 8.28
C GLY A 198 8.25 -18.82 9.24
N PHE A 199 8.03 -17.97 10.24
CA PHE A 199 6.99 -18.23 11.23
C PHE A 199 5.61 -18.12 10.60
N TYR A 200 5.42 -17.17 9.68
CA TYR A 200 4.11 -16.97 9.05
C TYR A 200 3.61 -18.22 8.32
N PRO A 201 4.41 -18.90 7.50
CA PRO A 201 3.91 -20.14 6.87
C PRO A 201 3.47 -21.18 7.88
N ILE A 202 4.11 -21.25 9.05
CA ILE A 202 3.70 -22.20 10.07
C ILE A 202 2.32 -21.86 10.61
N VAL A 203 2.05 -20.57 10.84
CA VAL A 203 0.76 -20.16 11.39
C VAL A 203 -0.35 -20.40 10.36
N TYR A 204 -0.05 -20.20 9.08
CA TYR A 204 -1.00 -20.55 8.03
C TYR A 204 -1.29 -22.05 8.04
N ALA A 205 -0.24 -22.86 8.15
CA ALA A 205 -0.43 -24.30 8.29
C ALA A 205 -1.06 -24.65 9.62
N MET A 206 -0.86 -23.82 10.65
CA MET A 206 -1.55 -24.06 11.92
C MET A 206 -3.06 -23.87 11.75
N GLY A 207 -3.47 -22.76 11.14
CA GLY A 207 -4.89 -22.52 10.90
C GLY A 207 -5.54 -23.59 10.04
N SER A 208 -4.77 -24.18 9.13
CA SER A 208 -5.32 -25.20 8.23
C SER A 208 -5.67 -26.49 8.95
N TYR A 209 -4.90 -26.87 9.96
CA TYR A 209 -5.03 -28.18 10.57
C TYR A 209 -5.35 -28.09 12.06
N LEU A 212 -8.89 -30.89 14.92
CA LEU A 212 -8.62 -29.57 14.36
C LEU A 212 -8.11 -28.60 15.44
N GLY A 213 -8.46 -28.89 16.69
CA GLY A 213 -8.05 -28.04 17.79
C GLY A 213 -9.19 -27.20 18.29
N GLY A 214 -9.86 -26.51 17.37
CA GLY A 214 -11.04 -25.71 17.72
C GLY A 214 -10.68 -24.31 18.13
N ALA A 215 -10.95 -23.97 19.40
CA ALA A 215 -10.65 -22.64 19.89
C ALA A 215 -9.15 -22.44 20.10
N GLY A 216 -8.47 -23.47 20.61
CA GLY A 216 -7.01 -23.41 20.71
C GLY A 216 -6.37 -23.05 19.39
N SER A 217 -6.93 -23.56 18.29
CA SER A 217 -6.47 -23.16 16.96
C SER A 217 -6.68 -21.66 16.72
N VAL A 218 -7.84 -21.14 17.13
CA VAL A 218 -8.11 -19.70 16.97
C VAL A 218 -7.10 -18.88 17.77
N VAL A 219 -6.83 -19.30 19.01
CA VAL A 219 -5.87 -18.57 19.84
C VAL A 219 -4.48 -18.62 19.21
N ALA A 220 -4.05 -19.81 18.80
CA ALA A 220 -2.71 -19.98 18.25
C ALA A 220 -2.48 -19.08 17.04
N VAL A 221 -3.42 -19.07 16.09
CA VAL A 221 -3.26 -18.27 14.87
C VAL A 221 -3.14 -16.80 15.22
N GLN A 222 -4.03 -16.30 16.08
CA GLN A 222 -3.98 -14.89 16.45
C GLN A 222 -2.74 -14.56 17.27
N VAL A 223 -2.38 -15.42 18.22
CA VAL A 223 -1.15 -15.21 18.98
C VAL A 223 0.07 -15.31 18.08
N GLY A 224 0.09 -16.30 17.19
CA GLY A 224 1.24 -16.47 16.31
C GLY A 224 1.45 -15.31 15.37
N TYR A 225 0.38 -14.87 14.70
CA TYR A 225 0.46 -13.72 13.81
C TYR A 225 0.90 -12.47 14.56
N SER A 226 0.39 -12.28 15.78
CA SER A 226 0.74 -11.10 16.56
C SER A 226 2.22 -11.09 16.92
N ILE A 227 2.73 -12.21 17.45
CA ILE A 227 4.16 -12.31 17.76
C ILE A 227 4.99 -12.11 16.49
N ALA A 228 4.56 -12.73 15.39
CA ALA A 228 5.29 -12.61 14.13
C ALA A 228 5.35 -11.16 13.67
N ASP A 229 4.23 -10.43 13.78
CA ASP A 229 4.22 -9.04 13.34
C ASP A 229 5.10 -8.17 14.22
N VAL A 230 5.11 -8.42 15.53
CA VAL A 230 5.91 -7.61 16.45
C VAL A 230 7.40 -7.82 16.20
N THR A 231 7.81 -9.07 15.96
CA THR A 231 9.22 -9.35 15.74
C THR A 231 9.68 -8.97 14.35
N ALA A 232 8.81 -9.10 13.34
CA ALA A 232 9.18 -8.79 11.96
C ALA A 232 9.13 -7.31 11.64
N LYS A 233 8.57 -6.48 12.53
CA LYS A 233 8.45 -5.05 12.27
C LYS A 233 9.19 -4.19 13.29
N ALA A 234 8.90 -4.37 14.58
CA ALA A 234 9.53 -3.54 15.60
C ALA A 234 10.94 -4.03 15.92
N LEU A 235 11.09 -5.33 16.17
CA LEU A 235 12.41 -5.90 16.41
C LEU A 235 13.28 -5.76 15.17
N TYR A 236 12.66 -5.89 13.99
CA TYR A 236 13.37 -5.68 12.72
C TYR A 236 13.85 -4.24 12.57
N GLY A 237 13.00 -3.28 12.96
CA GLY A 237 13.39 -1.88 12.87
C GLY A 237 14.53 -1.51 13.81
N VAL A 238 14.62 -2.18 14.96
CA VAL A 238 15.74 -1.93 15.86
C VAL A 238 17.04 -2.38 15.21
N MET A 239 17.00 -3.47 14.43
CA MET A 239 18.19 -3.88 13.69
C MET A 239 18.53 -2.88 12.60
N ILE A 240 17.51 -2.32 11.93
CA ILE A 240 17.76 -1.26 10.95
C ILE A 240 18.41 -0.07 11.64
N PHE A 241 17.92 0.29 12.82
CA PHE A 241 18.55 1.37 13.58
C PHE A 241 19.97 0.99 13.99
N ALA A 242 20.18 -0.25 14.44
CA ALA A 242 21.50 -0.66 14.88
C ALA A 242 22.49 -0.67 13.72
N ILE A 243 22.03 -1.07 12.53
CA ILE A 243 22.87 -0.98 11.34
C ILE A 243 23.17 0.48 11.01
N ALA A 244 22.16 1.34 11.15
CA ALA A 244 22.37 2.76 10.90
C ALA A 244 23.37 3.35 11.87
N TYR A 245 23.26 2.99 13.16
CA TYR A 245 24.16 3.52 14.17
C TYR A 245 25.59 3.05 13.94
N ALA A 246 25.76 1.78 13.56
CA ALA A 246 27.10 1.25 13.32
C ALA A 246 27.75 1.90 12.11
N LYS A 247 27.00 2.05 11.01
CA LYS A 247 27.54 2.69 9.83
C LYS A 247 27.82 4.16 10.07
N SER A 248 27.02 4.82 10.92
CA SER A 248 27.28 6.22 11.25
C SER A 248 28.55 6.37 12.09
N GLU A 249 28.82 5.41 12.99
CA GLU A 249 30.06 5.45 13.75
C GLU A 249 31.26 5.11 12.89
N ALA A 250 31.04 4.41 11.77
CA ALA A 250 32.13 3.99 10.91
C ALA A 250 32.55 5.08 9.93
N ASP A 251 31.56 5.76 9.32
CA ASP A 251 31.84 6.81 8.34
C ASP A 251 32.04 8.18 8.98
N GLY A 252 32.03 8.25 10.31
CA GLY A 252 32.29 9.52 10.99
C GLY A 252 31.16 10.50 10.93
N SER A 253 29.93 10.05 10.67
CA SER A 253 28.78 10.93 10.56
C SER A 253 27.88 10.87 11.79
N LEU A 254 28.28 10.11 12.81
CA LEU A 254 27.53 10.08 14.05
C LEU A 254 27.39 11.50 14.59
N PRO A 255 26.16 11.99 14.78
CA PRO A 255 25.96 13.37 15.25
C PRO A 255 26.77 13.77 16.47
N ALA A 256 27.24 12.82 17.27
CA ALA A 256 28.00 13.14 18.46
C ALA A 256 29.32 13.82 18.09
N SER B 2 -33.11 -1.96 -5.92
CA SER B 2 -32.06 -1.68 -4.94
C SER B 2 -30.70 -2.16 -5.45
N ALA B 3 -29.90 -2.72 -4.54
CA ALA B 3 -28.61 -3.26 -4.92
C ALA B 3 -28.50 -4.74 -4.54
N THR B 4 -27.29 -5.21 -4.34
CA THR B 4 -27.01 -6.63 -4.09
C THR B 4 -26.76 -6.86 -2.61
N THR B 5 -27.06 -8.07 -2.15
CA THR B 5 -26.71 -8.48 -0.81
C THR B 5 -25.31 -9.08 -0.83
N LEU B 6 -24.54 -8.84 0.22
CA LEU B 6 -23.14 -9.22 0.27
C LEU B 6 -22.88 -10.16 1.44
N THR B 7 -21.94 -11.07 1.26
CA THR B 7 -21.46 -11.91 2.35
C THR B 7 -20.46 -11.13 3.20
N LEU B 8 -20.19 -11.63 4.41
CA LEU B 8 -19.18 -11.00 5.26
C LEU B 8 -17.83 -10.93 4.54
N GLN B 9 -17.52 -11.95 3.75
CA GLN B 9 -16.25 -12.00 3.05
C GLN B 9 -16.16 -10.90 2.00
N GLN B 10 -17.23 -10.72 1.21
CA GLN B 10 -17.23 -9.69 0.18
C GLN B 10 -17.18 -8.29 0.79
N PHE B 11 -18.01 -8.04 1.80
CA PHE B 11 -17.98 -6.73 2.46
C PHE B 11 -16.62 -6.45 3.07
N SER B 12 -16.03 -7.45 3.75
CA SER B 12 -14.73 -7.25 4.37
C SER B 12 -13.66 -6.98 3.32
N THR B 13 -13.70 -7.70 2.20
CA THR B 13 -12.70 -7.51 1.15
C THR B 13 -12.70 -6.08 0.65
N VAL B 14 -13.87 -5.54 0.32
CA VAL B 14 -13.95 -4.17 -0.16
C VAL B 14 -13.56 -3.20 0.95
N TYR B 15 -14.00 -3.47 2.18
CA TYR B 15 -13.64 -2.60 3.30
C TYR B 15 -12.13 -2.59 3.50
N ASN B 16 -11.49 -3.75 3.39
CA ASN B 16 -10.05 -3.84 3.60
C ASN B 16 -9.28 -3.13 2.49
N MET B 17 -9.69 -3.32 1.24
CA MET B 17 -9.01 -2.63 0.14
C MET B 17 -9.20 -1.12 0.24
N LEU B 18 -10.32 -0.68 0.83
CA LEU B 18 -10.47 0.75 1.09
C LEU B 18 -9.56 1.21 2.22
N SER B 19 -9.41 0.39 3.26
CA SER B 19 -8.48 0.74 4.34
C SER B 19 -7.03 0.64 3.87
N PHE B 20 -6.74 -0.30 2.97
CA PHE B 20 -5.44 -0.31 2.30
C PHE B 20 -5.17 1.00 1.58
N ALA B 21 -6.17 1.50 0.85
CA ALA B 21 -5.99 2.74 0.12
C ALA B 21 -5.76 3.91 1.07
N VAL B 22 -6.55 3.99 2.15
CA VAL B 22 -6.39 5.07 3.12
C VAL B 22 -4.98 5.08 3.68
N ALA B 23 -4.49 3.92 4.11
CA ALA B 23 -3.17 3.84 4.71
C ALA B 23 -2.07 4.17 3.70
N SER B 24 -2.22 3.71 2.46
CA SER B 24 -1.22 3.99 1.44
C SER B 24 -1.12 5.48 1.12
N MET B 25 -2.26 6.17 1.01
CA MET B 25 -2.23 7.59 0.66
C MET B 25 -1.64 8.42 1.78
N LEU B 26 -2.09 8.20 3.01
CA LEU B 26 -1.59 8.97 4.14
C LEU B 26 -0.12 8.65 4.42
N GLY B 27 0.27 7.38 4.31
CA GLY B 27 1.67 7.02 4.52
C GLY B 27 2.57 7.64 3.47
N ALA B 28 2.13 7.65 2.21
CA ALA B 28 2.90 8.29 1.16
C ALA B 28 3.01 9.79 1.40
N PHE B 29 1.93 10.40 1.93
CA PHE B 29 1.97 11.81 2.27
C PHE B 29 3.13 12.12 3.21
N ALA B 30 3.22 11.37 4.33
CA ALA B 30 4.30 11.59 5.28
C ALA B 30 5.65 11.36 4.63
N PHE B 31 5.74 10.36 3.76
CA PHE B 31 7.00 10.08 3.07
C PHE B 31 7.42 11.26 2.21
N PHE B 32 6.49 11.80 1.40
CA PHE B 32 6.83 12.91 0.52
C PHE B 32 7.14 14.18 1.30
N VAL B 33 6.42 14.40 2.41
CA VAL B 33 6.71 15.55 3.27
C VAL B 33 8.11 15.45 3.83
N MET B 34 8.50 14.26 4.31
CA MET B 34 9.83 14.09 4.87
C MET B 34 10.90 14.06 3.79
N GLY B 35 10.58 13.54 2.60
CA GLY B 35 11.55 13.41 1.52
C GLY B 35 12.02 14.71 0.89
N ARG B 36 11.36 15.83 1.20
CA ARG B 36 11.75 17.11 0.63
C ARG B 36 13.21 17.46 0.96
N LYS B 37 13.65 17.11 2.17
CA LYS B 37 15.00 17.48 2.61
C LYS B 37 16.09 16.80 1.79
N ILE B 38 15.75 15.73 1.07
CA ILE B 38 16.77 14.89 0.44
C ILE B 38 17.09 15.27 -1.01
N VAL B 39 16.16 15.90 -1.73
CA VAL B 39 16.37 16.22 -3.13
C VAL B 39 16.84 17.66 -3.26
N GLY B 40 17.22 18.05 -4.48
CA GLY B 40 17.66 19.39 -4.74
C GLY B 40 16.53 20.39 -4.57
N PRO B 41 16.87 21.64 -4.29
CA PRO B 41 15.83 22.65 -3.99
C PRO B 41 14.93 22.97 -5.16
N LYS B 42 15.36 22.73 -6.39
CA LYS B 42 14.55 23.08 -7.55
C LYS B 42 13.53 22.01 -7.89
N TYR B 43 13.56 20.87 -7.19
CA TYR B 43 12.62 19.78 -7.39
C TYR B 43 11.70 19.57 -6.19
N ARG B 44 11.77 20.44 -5.18
CA ARG B 44 10.99 20.22 -3.96
C ARG B 44 9.53 20.62 -4.14
N LEU B 45 9.25 21.58 -5.03
CA LEU B 45 7.87 21.95 -5.30
C LEU B 45 7.09 20.81 -5.93
N ALA B 46 7.75 19.99 -6.74
CA ALA B 46 7.09 18.83 -7.33
C ALA B 46 6.69 17.81 -6.27
N LEU B 47 7.52 17.65 -5.23
CA LEU B 47 7.19 16.73 -4.15
C LEU B 47 6.04 17.25 -3.29
N VAL B 48 5.94 18.57 -3.16
CA VAL B 48 4.80 19.15 -2.43
C VAL B 48 3.50 18.80 -3.12
N VAL B 49 3.48 18.93 -4.46
CA VAL B 49 2.28 18.57 -5.23
C VAL B 49 2.02 17.07 -5.11
N SER B 50 3.09 16.27 -5.05
CA SER B 50 2.93 14.83 -4.82
C SER B 50 2.23 14.57 -3.50
N SER B 51 2.66 15.26 -2.43
CA SER B 51 2.01 15.11 -1.14
C SER B 51 0.55 15.54 -1.22
N LEU B 52 0.27 16.61 -1.98
CA LEU B 52 -1.10 17.10 -2.08
C LEU B 52 -2.01 16.06 -2.71
N VAL B 53 -1.55 15.40 -3.77
CA VAL B 53 -2.37 14.40 -4.45
C VAL B 53 -2.79 13.30 -3.48
N VAL B 54 -1.82 12.75 -2.74
CA VAL B 54 -2.12 11.62 -1.86
C VAL B 54 -2.90 12.07 -0.64
N LEU B 55 -2.69 13.32 -0.19
CA LEU B 55 -3.47 13.84 0.94
C LEU B 55 -4.94 13.93 0.57
N ILE B 56 -5.24 14.50 -0.60
CA ILE B 56 -6.62 14.63 -1.04
C ILE B 56 -7.25 13.26 -1.23
N ALA B 57 -6.54 12.36 -1.91
CA ALA B 57 -7.09 11.02 -2.11
C ALA B 57 -7.24 10.28 -0.78
N GLY B 58 -6.39 10.59 0.19
CA GLY B 58 -6.57 10.04 1.51
C GLY B 58 -7.88 10.49 2.13
N TYR B 59 -8.15 11.81 2.06
CA TYR B 59 -9.42 12.33 2.56
C TYR B 59 -10.62 11.73 1.83
N HIS B 60 -10.53 11.64 0.50
CA HIS B 60 -11.65 11.12 -0.27
C HIS B 60 -11.89 9.65 -0.01
N TYR B 61 -10.83 8.86 0.12
CA TYR B 61 -11.02 7.44 0.43
C TYR B 61 -11.51 7.23 1.85
N TRP B 62 -11.15 8.13 2.77
CA TRP B 62 -11.71 8.06 4.12
C TRP B 62 -13.23 8.21 4.09
N ARG B 63 -13.72 9.13 3.25
CA ARG B 63 -15.17 9.30 3.12
C ARG B 63 -15.80 8.10 2.42
N ILE B 64 -15.14 7.60 1.36
CA ILE B 64 -15.65 6.43 0.64
C ILE B 64 -15.78 5.25 1.59
N MET B 65 -14.82 5.08 2.50
CA MET B 65 -14.88 4.00 3.46
C MET B 65 -16.09 4.16 4.39
N GLY B 66 -16.34 5.39 4.85
CA GLY B 66 -17.56 5.65 5.60
C GLY B 66 -18.81 5.38 4.77
N SER B 67 -18.78 5.80 3.50
CA SER B 67 -19.91 5.58 2.62
C SER B 67 -20.17 4.08 2.43
N TRP B 68 -19.11 3.28 2.35
CA TRP B 68 -19.27 1.85 2.13
C TRP B 68 -19.91 1.17 3.34
N THR B 69 -19.42 1.47 4.54
CA THR B 69 -19.98 0.86 5.74
C THR B 69 -21.40 1.32 6.02
N ALA B 70 -21.79 2.48 5.49
CA ALA B 70 -23.13 3.02 5.74
C ALA B 70 -24.15 2.55 4.73
N ALA B 71 -23.71 1.91 3.64
CA ALA B 71 -24.62 1.42 2.62
C ALA B 71 -25.06 -0.01 2.86
N TYR B 72 -24.51 -0.67 3.88
CA TYR B 72 -24.89 -2.04 4.22
C TYR B 72 -25.01 -2.17 5.73
N ALA B 73 -25.80 -3.15 6.15
CA ALA B 73 -26.03 -3.43 7.56
C ALA B 73 -25.95 -4.92 7.80
N LEU B 74 -25.49 -5.30 8.98
CA LEU B 74 -25.31 -6.70 9.33
C LEU B 74 -26.64 -7.31 9.78
N LYS B 75 -27.12 -8.29 9.05
CA LYS B 75 -28.37 -8.97 9.37
C LYS B 75 -28.20 -10.46 9.07
N ASP B 76 -28.32 -11.30 10.10
CA ASP B 76 -28.30 -12.76 9.94
C ASP B 76 -26.99 -13.24 9.33
N GLY B 77 -25.88 -12.67 9.78
CA GLY B 77 -24.60 -13.03 9.20
C GLY B 77 -24.45 -12.60 7.76
N MET B 78 -25.15 -11.56 7.35
CA MET B 78 -25.09 -11.06 5.99
C MET B 78 -25.02 -9.54 6.03
N TYR B 79 -24.58 -8.96 4.91
CA TYR B 79 -24.61 -7.51 4.73
C TYR B 79 -25.64 -7.17 3.67
N VAL B 80 -26.75 -6.57 4.08
CA VAL B 80 -27.84 -6.24 3.17
C VAL B 80 -27.88 -4.72 3.04
N PRO B 81 -28.26 -4.18 1.89
CA PRO B 81 -28.24 -2.73 1.71
C PRO B 81 -29.15 -2.01 2.70
N THR B 82 -28.83 -0.74 2.93
CA THR B 82 -29.58 0.11 3.84
C THR B 82 -30.42 1.14 3.11
N GLY B 83 -30.28 1.23 1.78
CA GLY B 83 -30.87 2.29 1.00
C GLY B 83 -29.96 3.47 0.78
N GLU B 84 -29.00 3.69 1.67
CA GLU B 84 -28.05 4.78 1.51
C GLU B 84 -27.14 4.51 0.33
N PRO B 85 -26.94 5.48 -0.56
CA PRO B 85 -26.29 5.16 -1.83
C PRO B 85 -24.77 5.13 -1.74
N PHE B 86 -24.17 4.17 -2.43
CA PHE B 86 -22.74 4.09 -2.63
C PHE B 86 -22.50 4.21 -4.14
N ASN B 87 -21.91 5.31 -4.58
CA ASN B 87 -21.78 5.56 -6.01
C ASN B 87 -20.33 5.87 -6.39
N ASP B 88 -20.04 5.66 -7.68
CA ASP B 88 -18.74 5.99 -8.25
C ASP B 88 -18.61 7.48 -8.55
N ALA B 89 -19.70 8.24 -8.48
CA ALA B 89 -19.63 9.66 -8.78
C ALA B 89 -18.97 10.47 -7.69
N TYR B 90 -18.80 9.91 -6.49
CA TYR B 90 -17.97 10.59 -5.50
C TYR B 90 -16.50 10.56 -5.91
N ARG B 91 -16.13 9.56 -6.70
CA ARG B 91 -14.75 9.46 -7.18
C ARG B 91 -14.39 10.60 -8.13
N TYR B 92 -15.36 11.07 -8.91
CA TYR B 92 -15.08 12.13 -9.87
C TYR B 92 -14.69 13.41 -9.16
N VAL B 93 -15.23 13.64 -7.96
CA VAL B 93 -14.85 14.81 -7.17
C VAL B 93 -13.39 14.72 -6.74
N ASP B 94 -12.91 13.50 -6.48
CA ASP B 94 -11.48 13.27 -6.27
C ASP B 94 -10.69 13.53 -7.55
N TRP B 95 -11.08 12.86 -8.64
CA TRP B 95 -10.34 12.93 -9.89
C TRP B 95 -10.26 14.36 -10.43
N LEU B 96 -11.35 15.12 -10.32
CA LEU B 96 -11.36 16.47 -10.88
C LEU B 96 -10.25 17.34 -10.30
N LEU B 97 -9.87 17.11 -9.05
CA LEU B 97 -8.80 17.89 -8.45
C LEU B 97 -7.44 17.20 -8.62
N THR B 98 -7.38 15.89 -8.41
CA THR B 98 -6.08 15.21 -8.32
C THR B 98 -5.45 14.93 -9.67
N VAL B 99 -6.23 14.71 -10.73
CA VAL B 99 -5.64 14.39 -12.03
C VAL B 99 -4.88 15.60 -12.58
N PRO B 100 -5.46 16.81 -12.60
CA PRO B 100 -4.64 17.99 -12.95
C PRO B 100 -3.39 18.12 -12.09
N LEU B 101 -3.47 17.73 -10.82
CA LEU B 101 -2.29 17.78 -9.96
C LEU B 101 -1.27 16.71 -10.34
N LEU B 102 -1.73 15.54 -10.79
CA LEU B 102 -0.81 14.49 -11.20
C LEU B 102 0.05 14.94 -12.36
N LEU B 103 -0.57 15.60 -13.35
CA LEU B 103 0.19 16.14 -14.47
C LEU B 103 1.15 17.23 -14.01
N THR B 104 0.71 18.08 -13.07
CA THR B 104 1.54 19.18 -12.60
C THR B 104 2.84 18.69 -12.01
N GLU B 105 2.78 17.70 -11.11
CA GLU B 105 4.00 17.24 -10.45
C GLU B 105 4.99 16.62 -11.42
N LEU B 106 4.50 16.00 -12.51
CA LEU B 106 5.40 15.46 -13.51
C LEU B 106 6.11 16.58 -14.27
N VAL B 107 5.38 17.62 -14.67
CA VAL B 107 5.99 18.72 -15.41
C VAL B 107 6.97 19.47 -14.52
N LEU B 108 6.66 19.60 -13.23
CA LEU B 108 7.55 20.33 -12.34
C LEU B 108 8.84 19.57 -12.08
N VAL B 109 8.80 18.24 -12.05
CA VAL B 109 10.03 17.48 -11.84
C VAL B 109 10.86 17.44 -13.12
N MET B 110 10.26 17.69 -14.28
CA MET B 110 10.98 17.72 -15.53
C MET B 110 11.55 19.11 -15.77
N LYS B 111 12.39 19.22 -16.79
CA LYS B 111 13.03 20.49 -17.10
C LYS B 111 12.04 21.47 -17.69
N LEU B 112 12.06 22.70 -17.19
CA LEU B 112 11.22 23.76 -17.75
C LEU B 112 11.87 24.25 -19.03
N LYS B 113 11.10 24.30 -20.12
CA LYS B 113 11.65 24.83 -21.37
C LYS B 113 10.78 25.98 -21.87
N LYS B 114 10.71 27.06 -21.08
CA LYS B 114 9.98 28.29 -21.41
C LYS B 114 8.50 28.02 -21.66
N GLU B 115 8.20 27.07 -22.54
CA GLU B 115 6.83 26.70 -22.86
C GLU B 115 6.24 25.72 -21.85
N SER B 116 7.02 25.28 -20.85
CA SER B 116 6.53 24.33 -19.86
C SER B 116 5.21 24.80 -19.27
N GLY B 117 5.05 26.11 -19.08
CA GLY B 117 3.77 26.64 -18.65
C GLY B 117 2.67 26.35 -19.65
N SER B 118 2.97 26.57 -20.94
CA SER B 118 1.98 26.32 -21.99
C SER B 118 1.60 24.85 -22.06
N VAL B 119 2.58 23.95 -22.00
CA VAL B 119 2.29 22.52 -22.07
C VAL B 119 1.43 22.11 -20.89
N LEU B 120 1.78 22.58 -19.69
CA LEU B 120 1.02 22.25 -18.49
C LEU B 120 -0.41 22.79 -18.56
N ALA B 121 -0.56 24.04 -19.00
CA ALA B 121 -1.90 24.64 -19.03
C ALA B 121 -2.84 23.86 -19.93
N LYS B 122 -2.34 23.41 -21.08
CA LYS B 122 -3.17 22.61 -21.98
C LYS B 122 -3.57 21.28 -21.34
N LEU B 123 -2.61 20.60 -20.70
CA LEU B 123 -2.91 19.33 -20.05
C LEU B 123 -3.91 19.50 -18.92
N ILE B 124 -3.76 20.55 -18.12
CA ILE B 124 -4.68 20.80 -17.01
C ILE B 124 -6.08 21.06 -17.54
N LEU B 125 -6.17 21.92 -18.57
CA LEU B 125 -7.46 22.17 -19.21
C LEU B 125 -8.02 20.90 -19.86
N ALA B 126 -7.14 20.08 -20.43
CA ALA B 126 -7.58 18.81 -21.02
C ALA B 126 -8.12 17.87 -19.96
N ALA B 127 -7.37 17.68 -18.86
CA ALA B 127 -7.79 16.79 -17.79
C ALA B 127 -9.12 17.24 -17.18
N ILE B 128 -9.28 18.55 -16.99
CA ILE B 128 -10.54 19.08 -16.43
C ILE B 128 -11.71 18.73 -17.34
N ALA B 129 -11.59 19.04 -18.64
CA ALA B 129 -12.67 18.75 -19.57
C ALA B 129 -12.97 17.26 -19.62
N MET B 130 -11.93 16.42 -19.50
CA MET B 130 -12.13 14.97 -19.46
C MET B 130 -13.08 14.57 -18.34
N ILE B 131 -12.75 14.96 -17.10
CA ILE B 131 -13.62 14.62 -15.97
C ILE B 131 -14.97 15.32 -16.10
N ALA B 132 -14.95 16.58 -16.55
CA ALA B 132 -16.19 17.35 -16.66
C ALA B 132 -17.15 16.71 -17.66
N LEU B 133 -16.64 16.32 -18.83
CA LEU B 133 -17.50 15.64 -19.81
C LEU B 133 -17.90 14.25 -19.35
N GLY B 134 -17.03 13.57 -18.58
CA GLY B 134 -17.36 12.25 -18.09
C GLY B 134 -18.49 12.23 -17.09
N TYR B 135 -18.65 13.32 -16.32
CA TYR B 135 -19.63 13.31 -15.24
C TYR B 135 -21.07 13.18 -15.72
N PRO B 136 -21.56 13.98 -16.69
CA PRO B 136 -22.91 13.72 -17.20
C PRO B 136 -23.15 12.29 -17.66
N GLY B 137 -22.14 11.66 -18.25
CA GLY B 137 -22.31 10.28 -18.71
C GLY B 137 -22.34 9.29 -17.57
N GLU B 138 -21.62 9.57 -16.48
CA GLU B 138 -21.57 8.62 -15.37
C GLU B 138 -22.90 8.56 -14.63
N ILE B 139 -23.55 9.71 -14.43
CA ILE B 139 -24.81 9.74 -13.69
C ILE B 139 -25.99 9.37 -14.56
N SER B 140 -25.78 9.15 -15.86
CA SER B 140 -26.84 8.71 -16.74
C SER B 140 -27.10 7.22 -16.53
N ASN B 141 -28.35 6.83 -16.65
CA ASN B 141 -28.72 5.43 -16.50
C ASN B 141 -28.19 4.67 -17.70
N PRO B 142 -27.31 3.67 -17.51
CA PRO B 142 -26.75 2.96 -18.67
C PRO B 142 -27.79 2.32 -19.57
N GLU B 143 -29.01 2.09 -19.08
CA GLU B 143 -30.07 1.46 -19.86
C GLU B 143 -31.09 2.49 -20.36
N SER B 144 -31.74 3.21 -19.44
CA SER B 144 -32.75 4.19 -19.85
C SER B 144 -32.14 5.42 -20.52
N GLN B 145 -30.84 5.67 -20.33
CA GLN B 145 -30.16 6.82 -20.89
C GLN B 145 -28.85 6.36 -21.55
N ALA B 146 -28.99 5.51 -22.57
CA ALA B 146 -27.80 4.97 -23.21
C ALA B 146 -27.23 5.92 -24.25
N GLY B 147 -28.06 6.78 -24.83
CA GLY B 147 -27.55 7.76 -25.79
C GLY B 147 -26.67 8.80 -25.12
N ALA B 148 -27.11 9.32 -23.98
CA ALA B 148 -26.33 10.33 -23.28
C ALA B 148 -25.04 9.75 -22.71
N ARG B 149 -25.09 8.54 -22.18
CA ARG B 149 -23.90 7.91 -21.62
C ARG B 149 -22.80 7.78 -22.68
N LEU B 150 -23.15 7.25 -23.85
CA LEU B 150 -22.17 7.07 -24.91
C LEU B 150 -21.60 8.40 -25.37
N MET B 151 -22.47 9.39 -25.58
CA MET B 151 -22.03 10.67 -26.13
C MET B 151 -20.99 11.33 -25.22
N TRP B 152 -21.28 11.40 -23.91
CA TRP B 152 -20.35 12.03 -22.99
C TRP B 152 -19.07 11.23 -22.85
N GLY B 153 -19.18 9.89 -22.85
CA GLY B 153 -17.99 9.05 -22.87
C GLY B 153 -17.08 9.34 -24.05
N VAL B 154 -17.67 9.49 -25.24
CA VAL B 154 -16.88 9.79 -26.42
C VAL B 154 -16.25 11.17 -26.31
N LEU B 155 -17.04 12.17 -25.92
CA LEU B 155 -16.50 13.52 -25.75
C LEU B 155 -15.43 13.57 -24.68
N SER B 156 -15.58 12.74 -23.63
CA SER B 156 -14.57 12.71 -22.57
C SER B 156 -13.29 12.05 -23.05
N THR B 157 -13.38 11.12 -23.99
CA THR B 157 -12.20 10.39 -24.46
C THR B 157 -11.30 11.25 -25.34
N VAL B 158 -11.80 12.36 -25.88
CA VAL B 158 -11.00 13.19 -26.78
C VAL B 158 -9.87 13.87 -26.02
N PRO B 159 -10.13 14.64 -24.96
CA PRO B 159 -9.00 15.20 -24.19
C PRO B 159 -8.18 14.13 -23.50
N PHE B 160 -8.76 12.95 -23.25
CA PHE B 160 -8.01 11.86 -22.66
C PHE B 160 -6.87 11.41 -23.57
N LEU B 161 -7.19 11.07 -24.82
CA LEU B 161 -6.15 10.68 -25.76
C LEU B 161 -5.19 11.84 -26.04
N TYR B 162 -5.68 13.08 -25.96
CA TYR B 162 -4.80 14.23 -26.09
C TYR B 162 -3.72 14.22 -25.00
N ILE B 163 -4.12 13.99 -23.76
CA ILE B 163 -3.15 13.91 -22.66
C ILE B 163 -2.17 12.78 -22.91
N LEU B 164 -2.67 11.62 -23.32
CA LEU B 164 -1.79 10.49 -23.58
C LEU B 164 -0.83 10.80 -24.72
N TYR B 165 -1.33 11.44 -25.78
CA TYR B 165 -0.46 11.79 -26.90
C TYR B 165 0.63 12.76 -26.46
N VAL B 166 0.25 13.83 -25.76
CA VAL B 166 1.21 14.83 -25.32
C VAL B 166 2.26 14.18 -24.43
N LEU B 167 1.84 13.32 -23.51
CA LEU B 167 2.80 12.67 -22.62
C LEU B 167 3.78 11.80 -23.42
N TRP B 168 3.28 11.05 -24.40
CA TRP B 168 4.18 10.21 -25.17
C TRP B 168 5.16 11.04 -25.99
N VAL B 169 4.68 12.13 -26.61
CA VAL B 169 5.53 12.91 -27.50
C VAL B 169 6.41 13.90 -26.73
N ARG B 170 5.91 14.46 -25.63
CA ARG B 170 6.71 15.42 -24.88
C ARG B 170 7.67 14.76 -23.90
N LEU B 171 7.52 13.45 -23.67
CA LEU B 171 8.40 12.74 -22.76
C LEU B 171 9.56 12.06 -23.49
N GLY B 172 9.27 11.42 -24.62
CA GLY B 172 10.33 10.77 -25.39
C GLY B 172 11.31 11.76 -25.98
N ASP B 173 10.82 12.94 -26.38
CA ASP B 173 11.73 13.96 -26.88
C ASP B 173 12.62 14.50 -25.76
N ALA B 174 12.16 14.38 -24.50
CA ALA B 174 12.94 14.82 -23.37
C ALA B 174 13.58 13.67 -22.60
N ILE B 175 13.11 12.44 -22.77
CA ILE B 175 13.81 11.27 -22.23
C ILE B 175 15.21 11.18 -22.83
N GLY B 176 15.30 11.35 -24.15
CA GLY B 176 16.53 11.09 -24.87
C GLY B 176 17.56 12.20 -24.71
N GLU B 177 17.35 13.05 -23.70
CA GLU B 177 18.25 14.14 -23.39
C GLU B 177 18.87 14.01 -22.01
N HIS B 178 18.60 12.91 -21.29
CA HIS B 178 18.96 12.77 -19.89
C HIS B 178 19.81 11.53 -19.65
N PRO B 179 20.41 11.38 -18.47
CA PRO B 179 21.21 10.17 -18.20
C PRO B 179 20.36 8.91 -18.23
N ALA B 180 21.06 7.78 -18.27
CA ALA B 180 20.39 6.49 -18.42
C ALA B 180 19.42 6.23 -17.28
N LYS B 181 19.81 6.52 -16.04
CA LYS B 181 18.92 6.29 -14.91
C LYS B 181 17.67 7.15 -14.99
N VAL B 182 17.83 8.42 -15.41
CA VAL B 182 16.67 9.29 -15.58
C VAL B 182 15.77 8.78 -16.68
N GLN B 183 16.35 8.23 -17.75
CA GLN B 183 15.54 7.72 -18.86
C GLN B 183 14.69 6.54 -18.39
N VAL B 184 15.30 5.60 -17.65
CA VAL B 184 14.56 4.44 -17.16
C VAL B 184 13.42 4.90 -16.27
N LEU B 185 13.69 5.84 -15.35
CA LEU B 185 12.65 6.35 -14.48
C LEU B 185 11.55 7.03 -15.27
N LEU B 186 11.91 7.87 -16.24
CA LEU B 186 10.89 8.51 -17.07
C LEU B 186 10.14 7.49 -17.92
N LYS B 187 10.86 6.48 -18.44
CA LYS B 187 10.22 5.47 -19.29
C LYS B 187 9.18 4.68 -18.52
N ASN B 188 9.55 4.20 -17.33
CA ASN B 188 8.61 3.41 -16.53
C ASN B 188 7.44 4.25 -16.04
N THR B 189 7.65 5.54 -15.81
CA THR B 189 6.55 6.41 -15.40
C THR B 189 5.48 6.47 -16.49
N ARG B 190 5.89 6.51 -17.76
CA ARG B 190 4.94 6.45 -18.86
C ARG B 190 4.15 5.14 -18.83
N TYR B 191 4.85 4.01 -18.73
CA TYR B 191 4.18 2.72 -18.62
C TYR B 191 3.23 2.69 -17.43
N LEU B 192 3.65 3.28 -16.31
CA LEU B 192 2.79 3.34 -15.13
C LEU B 192 1.51 4.10 -15.43
N ILE B 193 1.63 5.26 -16.08
CA ILE B 193 0.45 6.03 -16.49
C ILE B 193 -0.39 5.22 -17.47
N LEU B 194 0.27 4.55 -18.42
CA LEU B 194 -0.45 3.84 -19.47
C LEU B 194 -1.27 2.68 -18.90
N LEU B 195 -0.63 1.82 -18.11
CA LEU B 195 -1.32 0.64 -17.58
C LEU B 195 -2.48 1.03 -16.67
N THR B 196 -2.26 1.99 -15.78
CA THR B 196 -3.24 2.28 -14.71
C THR B 196 -4.40 3.16 -15.19
N TRP B 197 -4.13 4.21 -15.96
CA TRP B 197 -5.16 5.18 -16.33
C TRP B 197 -6.25 4.58 -17.22
N GLY B 198 -5.99 3.45 -17.89
CA GLY B 198 -7.00 2.82 -18.70
C GLY B 198 -8.10 2.15 -17.91
N PHE B 199 -7.87 1.90 -16.61
CA PHE B 199 -8.88 1.23 -15.79
C PHE B 199 -10.16 2.05 -15.68
N TYR B 200 -10.04 3.36 -15.54
CA TYR B 200 -11.22 4.19 -15.31
C TYR B 200 -12.18 4.17 -16.50
N PRO B 201 -11.75 4.38 -17.75
CA PRO B 201 -12.70 4.26 -18.87
C PRO B 201 -13.27 2.87 -19.03
N ILE B 202 -12.49 1.84 -18.72
CA ILE B 202 -12.99 0.47 -18.86
C ILE B 202 -14.15 0.24 -17.91
N VAL B 203 -14.05 0.72 -16.67
CA VAL B 203 -15.13 0.56 -15.71
C VAL B 203 -16.33 1.41 -16.12
N TYR B 204 -16.07 2.59 -16.70
CA TYR B 204 -17.15 3.38 -17.28
C TYR B 204 -17.83 2.61 -18.41
N ALA B 205 -17.03 2.02 -19.30
CA ALA B 205 -17.59 1.19 -20.35
C ALA B 205 -18.17 -0.11 -19.80
N MET B 206 -17.69 -0.58 -18.66
CA MET B 206 -18.28 -1.76 -18.05
C MET B 206 -19.71 -1.49 -17.62
N GLY B 207 -19.94 -0.38 -16.89
CA GLY B 207 -21.28 -0.05 -16.46
C GLY B 207 -22.24 0.04 -17.63
N SER B 208 -21.74 0.47 -18.79
CA SER B 208 -22.57 0.53 -19.98
C SER B 208 -22.87 -0.86 -20.53
N TYR B 209 -21.92 -1.79 -20.46
CA TYR B 209 -22.07 -3.11 -21.07
C TYR B 209 -21.89 -4.25 -20.07
N GLY B 210 -21.85 -3.95 -18.77
CA GLY B 210 -21.70 -5.00 -17.79
C GLY B 210 -21.67 -4.40 -16.40
N TRP B 211 -20.99 -5.11 -15.49
CA TRP B 211 -20.89 -4.72 -14.09
C TRP B 211 -22.27 -4.60 -13.46
N LEU B 212 -22.33 -4.42 -12.14
CA LEU B 212 -23.54 -4.44 -11.35
C LEU B 212 -24.18 -5.83 -11.36
N GLY B 213 -23.84 -6.65 -12.35
CA GLY B 213 -24.31 -8.03 -12.40
C GLY B 213 -23.57 -8.86 -11.37
N GLY B 214 -24.19 -9.04 -10.21
CA GLY B 214 -23.63 -9.84 -9.16
C GLY B 214 -22.76 -9.05 -8.19
N ALA B 215 -22.52 -9.66 -7.03
CA ALA B 215 -21.71 -9.03 -6.00
C ALA B 215 -20.23 -9.06 -6.33
N GLY B 216 -19.75 -10.18 -6.89
CA GLY B 216 -18.35 -10.27 -7.29
C GLY B 216 -17.89 -9.14 -8.18
N SER B 217 -18.74 -8.71 -9.12
CA SER B 217 -18.41 -7.56 -9.93
C SER B 217 -18.26 -6.30 -9.09
N VAL B 218 -19.15 -6.11 -8.11
CA VAL B 218 -19.06 -4.95 -7.22
C VAL B 218 -17.75 -4.96 -6.47
N VAL B 219 -17.35 -6.13 -5.94
CA VAL B 219 -16.09 -6.22 -5.20
C VAL B 219 -14.91 -5.93 -6.13
N ALA B 220 -14.87 -6.60 -7.28
CA ALA B 220 -13.73 -6.49 -8.18
C ALA B 220 -13.49 -5.04 -8.60
N VAL B 221 -14.55 -4.35 -9.02
CA VAL B 221 -14.42 -2.97 -9.48
C VAL B 221 -13.91 -2.08 -8.35
N GLN B 222 -14.48 -2.25 -7.15
CA GLN B 222 -14.03 -1.45 -6.01
C GLN B 222 -12.61 -1.82 -5.60
N VAL B 223 -12.27 -3.10 -5.63
CA VAL B 223 -10.88 -3.49 -5.40
C VAL B 223 -9.98 -2.88 -6.47
N GLY B 224 -10.44 -2.89 -7.71
CA GLY B 224 -9.65 -2.32 -8.79
C GLY B 224 -9.37 -0.84 -8.61
N TYR B 225 -10.40 -0.07 -8.22
CA TYR B 225 -10.21 1.35 -7.97
C TYR B 225 -9.11 1.59 -6.93
N SER B 226 -9.07 0.76 -5.89
CA SER B 226 -8.06 0.93 -4.85
C SER B 226 -6.67 0.67 -5.42
N ILE B 227 -6.50 -0.45 -6.14
CA ILE B 227 -5.22 -0.77 -6.74
C ILE B 227 -4.80 0.31 -7.73
N ALA B 228 -5.74 0.75 -8.57
CA ALA B 228 -5.44 1.79 -9.55
C ALA B 228 -5.06 3.10 -8.88
N ASP B 229 -5.80 3.51 -7.85
CA ASP B 229 -5.53 4.78 -7.21
C ASP B 229 -4.21 4.78 -6.46
N VAL B 230 -3.89 3.68 -5.78
CA VAL B 230 -2.64 3.62 -5.03
C VAL B 230 -1.44 3.67 -5.97
N THR B 231 -1.52 2.97 -7.11
CA THR B 231 -0.41 2.97 -8.06
C THR B 231 -0.34 4.25 -8.87
N ALA B 232 -1.49 4.83 -9.21
CA ALA B 232 -1.51 6.05 -10.02
C ALA B 232 -1.22 7.30 -9.20
N LYS B 233 -1.25 7.22 -7.88
CA LYS B 233 -1.04 8.37 -7.01
C LYS B 233 0.13 8.17 -6.06
N ALA B 234 0.15 7.08 -5.30
CA ALA B 234 1.22 6.87 -4.33
C ALA B 234 2.48 6.30 -4.99
N LEU B 235 2.33 5.22 -5.76
CA LEU B 235 3.48 4.68 -6.49
C LEU B 235 3.98 5.68 -7.53
N TYR B 236 3.06 6.41 -8.16
CA TYR B 236 3.43 7.45 -9.11
C TYR B 236 4.23 8.55 -8.41
N GLY B 237 3.82 8.93 -7.19
CA GLY B 237 4.57 9.93 -6.44
C GLY B 237 5.95 9.46 -6.03
N VAL B 238 6.10 8.16 -5.76
CA VAL B 238 7.42 7.61 -5.47
C VAL B 238 8.31 7.70 -6.71
N MET B 239 7.73 7.49 -7.89
CA MET B 239 8.51 7.63 -9.12
C MET B 239 8.94 9.08 -9.32
N ILE B 240 8.05 10.03 -9.02
CA ILE B 240 8.42 11.44 -9.07
C ILE B 240 9.55 11.75 -8.09
N PHE B 241 9.47 11.17 -6.89
CA PHE B 241 10.53 11.36 -5.91
C PHE B 241 11.84 10.77 -6.41
N ALA B 242 11.78 9.59 -7.02
CA ALA B 242 12.99 8.95 -7.54
C ALA B 242 13.58 9.76 -8.70
N ILE B 243 12.72 10.34 -9.54
CA ILE B 243 13.20 11.21 -10.61
C ILE B 243 13.86 12.46 -10.04
N ALA B 244 13.26 13.04 -8.99
CA ALA B 244 13.85 14.22 -8.37
C ALA B 244 15.21 13.91 -7.78
N TYR B 245 15.33 12.77 -7.10
CA TYR B 245 16.62 12.40 -6.51
C TYR B 245 17.65 12.13 -7.61
N ALA B 246 17.24 11.48 -8.70
CA ALA B 246 18.15 11.20 -9.80
C ALA B 246 18.59 12.48 -10.49
N LYS B 247 17.64 13.37 -10.78
CA LYS B 247 17.99 14.63 -11.42
C LYS B 247 18.77 15.54 -10.48
N SER B 248 18.48 15.49 -9.17
CA SER B 248 19.27 16.25 -8.21
C SER B 248 20.70 15.71 -8.14
N GLU B 249 20.84 14.39 -8.27
CA GLU B 249 22.15 13.75 -8.29
C GLU B 249 22.89 14.02 -9.60
N ALA B 250 22.17 14.37 -10.66
CA ALA B 250 22.80 14.60 -11.96
C ALA B 250 23.34 16.03 -12.08
N ASP B 251 22.57 17.01 -11.65
CA ASP B 251 22.98 18.41 -11.73
C ASP B 251 23.80 18.86 -10.52
N GLY B 252 24.13 17.94 -9.60
CA GLY B 252 24.99 18.28 -8.48
C GLY B 252 24.35 19.08 -7.38
N SER B 253 23.02 19.03 -7.23
CA SER B 253 22.31 19.79 -6.22
C SER B 253 21.87 18.94 -5.03
N LEU B 254 22.19 17.65 -5.01
CA LEU B 254 21.87 16.79 -3.87
C LEU B 254 22.44 17.35 -2.57
N PRO B 255 21.61 17.63 -1.56
CA PRO B 255 22.15 18.11 -0.28
C PRO B 255 23.26 17.22 0.23
N ALA B 256 24.36 17.84 0.64
CA ALA B 256 25.52 17.10 1.14
C ALA B 256 25.75 17.35 2.63
#